data_3D7Q
#
_entry.id   3D7Q
#
_cell.length_a   79.846
_cell.length_b   79.846
_cell.length_c   74.256
_cell.angle_alpha   90.000
_cell.angle_beta   90.000
_cell.angle_gamma   90.000
#
_symmetry.space_group_name_H-M   'P 43 21 2'
#
loop_
_entity.id
_entity.type
_entity.pdbx_description
1 polymer 'XisI protein-like'
2 water water
#
_entity_poly.entity_id   1
_entity_poly.type   'polypeptide(L)'
_entity_poly.pdbx_seq_one_letter_code
;G(MSE)DKLNEYRTKVRQLLTKHLQYKPSYGDVEVEQIFDEEHDHYQIISVGWNNQHRIYGPI(MSE)HLDIKNNKIWIQ
QNTTEADIALEL(MSE)E(MSE)GIDKQDIVIGFHTPK(MSE)RQLSGFAVE
;
_entity_poly.pdbx_strand_id   A,B
#
# COMPACT_ATOMS: atom_id res chain seq x y z
N GLY A 1 -22.57 17.84 -24.21
CA GLY A 1 -22.30 16.44 -24.71
C GLY A 1 -20.84 16.15 -25.07
N ASP A 3 -19.05 18.82 -24.80
CA ASP A 3 -18.66 19.97 -24.00
C ASP A 3 -18.65 19.60 -22.53
N LYS A 4 -19.56 18.70 -22.17
CA LYS A 4 -19.55 18.04 -20.89
C LYS A 4 -18.28 17.20 -20.79
N LEU A 5 -17.98 16.44 -21.83
CA LEU A 5 -16.77 15.64 -21.90
C LEU A 5 -15.54 16.49 -21.68
N ASN A 6 -15.47 17.62 -22.38
CA ASN A 6 -14.30 18.48 -22.28
C ASN A 6 -14.20 19.19 -20.96
N GLU A 7 -15.35 19.56 -20.38
CA GLU A 7 -15.40 20.08 -19.02
C GLU A 7 -14.90 19.05 -18.02
N TYR A 8 -15.33 17.82 -18.20
CA TYR A 8 -15.04 16.75 -17.26
C TYR A 8 -13.58 16.36 -17.36
N ARG A 9 -13.03 16.33 -18.57
CA ARG A 9 -11.59 16.15 -18.76
C ARG A 9 -10.79 17.22 -18.06
N THR A 10 -11.16 18.47 -18.29
CA THR A 10 -10.50 19.62 -17.70
C THR A 10 -10.48 19.51 -16.17
N LYS A 11 -11.65 19.27 -15.60
CA LYS A 11 -11.81 19.27 -14.15
C LYS A 11 -11.12 18.08 -13.49
N VAL A 12 -11.20 16.92 -14.13
CA VAL A 12 -10.56 15.70 -13.63
C VAL A 12 -9.05 15.87 -13.65
N ARG A 13 -8.52 16.47 -14.72
CA ARG A 13 -7.09 16.73 -14.88
C ARG A 13 -6.56 17.80 -13.91
N GLN A 14 -7.40 18.78 -13.61
CA GLN A 14 -7.02 19.84 -12.68
C GLN A 14 -6.93 19.31 -11.27
N LEU A 15 -7.84 18.42 -10.93
CA LEU A 15 -7.97 17.87 -9.59
C LEU A 15 -6.81 16.95 -9.36
N LEU A 16 -6.53 16.12 -10.35
CA LEU A 16 -5.40 15.17 -10.19
C LEU A 16 -4.02 15.89 -10.13
N THR A 17 -3.84 16.89 -10.98
CA THR A 17 -2.69 17.80 -10.99
C THR A 17 -2.51 18.54 -9.67
N LYS A 18 -3.60 19.04 -9.11
CA LYS A 18 -3.59 19.67 -7.80
C LYS A 18 -3.02 18.72 -6.75
N HIS A 19 -3.53 17.50 -6.70
CA HIS A 19 -3.05 16.51 -5.75
C HIS A 19 -1.62 16.04 -5.99
N LEU A 20 -1.12 16.12 -7.22
CA LEU A 20 0.25 15.76 -7.54
C LEU A 20 1.21 16.80 -6.93
N GLN A 21 0.72 18.01 -6.73
CA GLN A 21 1.56 19.14 -6.37
C GLN A 21 1.56 19.43 -4.89
N TYR A 22 0.46 19.11 -4.20
CA TYR A 22 0.41 19.14 -2.73
C TYR A 22 1.49 18.20 -2.11
N LYS A 23 1.65 17.00 -2.70
CA LYS A 23 2.66 15.97 -2.34
C LYS A 23 3.73 16.44 -1.35
N GLY A 27 10.56 9.42 1.64
CA GLY A 27 11.87 9.06 1.14
C GLY A 27 12.06 9.50 -0.31
N ASP A 28 12.29 8.53 -1.21
CA ASP A 28 12.69 8.84 -2.60
C ASP A 28 11.58 8.38 -3.51
N VAL A 29 10.44 9.04 -3.38
CA VAL A 29 9.28 8.74 -4.16
C VAL A 29 9.01 9.89 -5.11
N GLU A 30 8.74 9.56 -6.37
CA GLU A 30 8.16 10.51 -7.33
C GLU A 30 6.68 10.26 -7.53
N VAL A 31 5.91 11.35 -7.63
CA VAL A 31 4.52 11.28 -7.96
C VAL A 31 4.40 11.62 -9.42
N GLU A 32 4.06 10.59 -10.22
N GLU A 32 3.97 10.66 -10.21
CA GLU A 32 3.93 10.64 -11.68
CA GLU A 32 3.95 10.86 -11.64
C GLU A 32 2.48 10.90 -12.12
C GLU A 32 2.52 10.82 -12.19
N GLN A 33 2.32 11.58 -13.25
CA GLN A 33 1.07 11.82 -13.92
C GLN A 33 0.99 10.87 -15.12
N ILE A 34 -0.13 10.14 -15.28
CA ILE A 34 -0.39 9.36 -16.52
C ILE A 34 -1.80 9.69 -17.03
N PHE A 35 -1.88 10.62 -17.97
CA PHE A 35 -3.16 11.08 -18.50
C PHE A 35 -3.29 10.56 -19.93
N ASP A 36 -4.36 9.81 -20.23
CA ASP A 36 -4.60 9.24 -21.56
C ASP A 36 -5.94 9.76 -22.04
N GLU A 37 -5.89 10.73 -22.93
CA GLU A 37 -7.09 11.40 -23.37
C GLU A 37 -7.86 10.58 -24.41
N GLU A 38 -7.15 9.83 -25.26
CA GLU A 38 -7.79 8.91 -26.17
C GLU A 38 -8.80 7.98 -25.45
N HIS A 39 -8.36 7.37 -24.35
CA HIS A 39 -9.18 6.43 -23.59
C HIS A 39 -9.87 7.03 -22.38
N ASP A 40 -9.59 8.30 -22.11
CA ASP A 40 -10.12 8.96 -20.93
C ASP A 40 -9.84 8.14 -19.65
N HIS A 41 -8.56 7.78 -19.49
CA HIS A 41 -8.07 7.21 -18.24
C HIS A 41 -7.04 8.19 -17.66
N TYR A 42 -7.21 8.57 -16.39
CA TYR A 42 -6.35 9.62 -15.78
C TYR A 42 -5.83 9.19 -14.42
N GLN A 43 -4.52 9.05 -14.28
CA GLN A 43 -3.97 8.49 -13.05
C GLN A 43 -2.81 9.32 -12.52
N ILE A 44 -2.68 9.38 -11.20
CA ILE A 44 -1.45 9.83 -10.58
C ILE A 44 -0.92 8.68 -9.69
N ILE A 45 0.41 8.52 -9.72
CA ILE A 45 1.00 7.31 -9.18
C ILE A 45 2.31 7.56 -8.43
N SER A 46 2.50 6.84 -7.33
CA SER A 46 3.76 6.87 -6.57
C SER A 46 4.73 5.82 -7.07
N VAL A 47 5.96 6.22 -7.36
CA VAL A 47 6.98 5.34 -7.86
C VAL A 47 8.31 5.71 -7.23
N GLY A 48 8.91 4.76 -6.52
CA GLY A 48 10.21 4.98 -5.91
C GLY A 48 10.56 4.01 -4.83
N TRP A 49 11.21 4.51 -3.78
CA TRP A 49 11.80 3.69 -2.72
C TRP A 49 11.68 4.35 -1.37
N ASN A 50 11.45 3.50 -0.36
CA ASN A 50 11.60 3.83 1.04
C ASN A 50 12.69 2.90 1.55
N ASN A 51 13.93 3.36 1.43
CA ASN A 51 15.11 2.54 1.64
C ASN A 51 15.06 1.29 0.72
N GLN A 52 14.94 0.09 1.29
CA GLN A 52 14.89 -1.15 0.52
C GLN A 52 13.46 -1.54 0.11
N HIS A 53 12.45 -0.82 0.57
CA HIS A 53 11.07 -1.06 0.22
C HIS A 53 10.65 -0.31 -1.06
N ARG A 54 10.25 -1.08 -2.06
CA ARG A 54 9.75 -0.58 -3.33
C ARG A 54 8.41 0.09 -3.08
N ILE A 55 8.31 1.38 -3.39
CA ILE A 55 7.05 2.11 -3.38
C ILE A 55 6.53 2.11 -4.83
N TYR A 56 5.33 1.57 -5.03
CA TYR A 56 4.74 1.51 -6.37
C TYR A 56 3.22 1.42 -6.20
N GLY A 57 2.49 2.40 -6.68
CA GLY A 57 1.04 2.32 -6.53
C GLY A 57 0.29 3.56 -6.91
N PRO A 58 -0.74 3.42 -7.77
CA PRO A 58 -1.65 4.53 -8.02
C PRO A 58 -2.17 5.16 -6.74
N ILE A 59 -2.19 6.48 -6.74
CA ILE A 59 -2.69 7.26 -5.63
C ILE A 59 -4.14 7.59 -5.91
N HIS A 61 -7.08 7.61 -9.41
CA HIS A 61 -7.39 7.16 -10.74
C HIS A 61 -8.84 7.48 -11.08
N LEU A 62 -9.03 8.28 -12.13
CA LEU A 62 -10.34 8.70 -12.57
C LEU A 62 -10.47 8.48 -14.07
N ASP A 63 -11.59 7.84 -14.44
CA ASP A 63 -11.96 7.57 -15.83
C ASP A 63 -13.21 8.35 -16.18
N ILE A 64 -13.34 8.72 -17.45
CA ILE A 64 -14.60 9.28 -17.95
C ILE A 64 -15.18 8.25 -18.91
N LYS A 65 -16.41 7.83 -18.61
CA LYS A 65 -17.15 6.83 -19.40
C LYS A 65 -18.61 7.27 -19.52
N ASN A 66 -19.12 7.34 -20.73
CA ASN A 66 -20.49 7.76 -20.97
C ASN A 66 -20.89 9.03 -20.26
N ASN A 67 -19.99 9.99 -20.34
CA ASN A 67 -20.09 11.29 -19.70
C ASN A 67 -20.28 11.24 -18.19
N LYS A 68 -19.68 10.23 -17.58
CA LYS A 68 -19.62 10.12 -16.13
C LYS A 68 -18.19 9.91 -15.65
N ILE A 69 -17.91 10.47 -14.48
CA ILE A 69 -16.59 10.35 -13.89
C ILE A 69 -16.56 9.17 -12.90
N TRP A 70 -15.75 8.17 -13.24
CA TRP A 70 -15.60 6.95 -12.44
C TRP A 70 -14.35 7.09 -11.59
N ILE A 71 -14.54 7.06 -10.28
CA ILE A 71 -13.43 7.14 -9.35
C ILE A 71 -13.01 5.72 -9.12
N GLN A 72 -11.89 5.33 -9.69
CA GLN A 72 -11.47 3.93 -9.69
C GLN A 72 -10.60 3.60 -8.49
N GLN A 73 -9.88 4.60 -8.01
CA GLN A 73 -8.96 4.42 -6.92
C GLN A 73 -8.67 5.76 -6.26
N ASN A 74 -8.52 5.70 -4.95
CA ASN A 74 -8.02 6.82 -4.14
C ASN A 74 -7.43 6.29 -2.84
N THR A 75 -6.11 6.39 -2.72
CA THR A 75 -5.39 5.93 -1.54
C THR A 75 -5.12 7.09 -0.56
N THR A 76 -5.88 8.17 -0.64
CA THR A 76 -5.67 9.33 0.21
C THR A 76 -6.90 9.49 1.09
N GLU A 77 -6.86 10.50 1.94
CA GLU A 77 -7.96 10.81 2.83
C GLU A 77 -8.96 11.73 2.19
N ALA A 78 -8.65 12.19 0.98
CA ALA A 78 -9.50 13.11 0.26
C ALA A 78 -10.83 12.44 -0.04
N ASP A 79 -11.88 13.24 -0.10
CA ASP A 79 -13.14 12.81 -0.68
C ASP A 79 -13.23 13.42 -2.08
N ILE A 80 -12.92 12.60 -3.06
CA ILE A 80 -12.81 13.04 -4.44
C ILE A 80 -14.18 13.38 -5.01
N ALA A 81 -15.20 12.63 -4.60
CA ALA A 81 -16.56 12.89 -5.04
C ALA A 81 -17.00 14.29 -4.57
N LEU A 82 -16.79 14.57 -3.28
CA LEU A 82 -17.07 15.89 -2.73
C LEU A 82 -16.28 16.97 -3.44
N GLU A 83 -15.02 16.66 -3.77
CA GLU A 83 -14.15 17.62 -4.45
C GLU A 83 -14.61 17.89 -5.88
N LEU A 84 -15.13 16.86 -6.55
CA LEU A 84 -15.70 17.04 -7.91
C LEU A 84 -17.00 17.82 -7.82
N GLU A 86 -17.69 20.00 -5.61
CA GLU A 86 -17.24 21.39 -5.29
C GLU A 86 -16.75 22.11 -6.56
N GLY A 88 -18.48 21.72 -9.35
CA GLY A 88 -19.73 21.91 -10.07
C GLY A 88 -20.11 20.74 -10.95
N ILE A 89 -19.75 19.54 -10.51
CA ILE A 89 -20.20 18.33 -11.19
C ILE A 89 -21.39 17.76 -10.41
N ASP A 90 -22.49 17.51 -11.10
N ASP A 90 -22.48 17.50 -11.12
CA ASP A 90 -23.66 16.88 -10.50
CA ASP A 90 -23.67 16.88 -10.55
C ASP A 90 -23.30 15.52 -9.90
C ASP A 90 -23.34 15.51 -9.92
N LYS A 91 -23.86 15.26 -8.72
CA LYS A 91 -23.67 13.97 -7.99
C LYS A 91 -23.97 12.75 -8.85
N GLN A 92 -24.88 12.90 -9.79
CA GLN A 92 -25.34 11.78 -10.59
C GLN A 92 -24.50 11.51 -11.83
N ASP A 93 -23.45 12.31 -12.01
CA ASP A 93 -22.45 12.05 -13.05
C ASP A 93 -21.15 11.52 -12.46
N ILE A 94 -21.20 11.04 -11.21
CA ILE A 94 -20.05 10.47 -10.51
C ILE A 94 -20.39 9.03 -10.19
N VAL A 95 -19.51 8.10 -10.55
CA VAL A 95 -19.66 6.70 -10.19
C VAL A 95 -18.51 6.30 -9.27
N ILE A 96 -18.82 5.70 -8.13
CA ILE A 96 -17.82 5.17 -7.23
C ILE A 96 -17.43 3.76 -7.71
N GLY A 97 -16.34 3.70 -8.48
CA GLY A 97 -15.90 2.52 -9.18
C GLY A 97 -15.44 1.40 -8.26
N PHE A 98 -14.98 1.78 -7.06
CA PHE A 98 -14.52 0.80 -6.09
C PHE A 98 -15.64 0.34 -5.18
N HIS A 99 -16.87 0.73 -5.50
CA HIS A 99 -18.04 0.11 -4.89
C HIS A 99 -18.62 -0.84 -5.90
N THR A 100 -19.07 -2.01 -5.44
CA THR A 100 -19.81 -2.91 -6.29
C THR A 100 -21.05 -2.17 -6.81
N PRO A 101 -21.55 -2.57 -7.99
CA PRO A 101 -22.85 -2.10 -8.49
C PRO A 101 -23.99 -2.11 -7.48
N LYS A 102 -24.10 -3.16 -6.66
CA LYS A 102 -25.10 -3.19 -5.58
C LYS A 102 -24.80 -2.22 -4.44
N ARG A 104 -23.38 0.52 -4.95
CA ARG A 104 -23.59 1.83 -5.60
C ARG A 104 -25.04 2.31 -5.53
N GLN A 105 -25.99 1.38 -5.49
CA GLN A 105 -27.38 1.76 -5.26
C GLN A 105 -27.59 2.39 -3.88
N LEU A 106 -26.67 2.17 -2.95
CA LEU A 106 -26.82 2.61 -1.57
C LEU A 106 -25.89 3.75 -1.19
N SER A 107 -24.76 3.91 -1.89
CA SER A 107 -23.71 4.80 -1.44
C SER A 107 -23.84 6.24 -1.96
N GLY A 108 -24.96 6.56 -2.59
CA GLY A 108 -25.36 7.94 -2.86
C GLY A 108 -25.07 8.53 -4.24
N PHE A 109 -24.42 7.79 -5.13
CA PHE A 109 -24.08 8.32 -6.45
C PHE A 109 -24.63 7.44 -7.54
N ALA A 110 -24.13 7.63 -8.76
CA ALA A 110 -24.62 6.95 -9.94
C ALA A 110 -24.18 5.50 -10.01
N VAL A 111 -25.11 4.58 -10.30
CA VAL A 111 -24.79 3.15 -10.45
C VAL A 111 -23.94 2.95 -11.69
N GLU A 112 -24.18 3.76 -12.71
CA GLU A 112 -23.46 3.62 -13.96
C GLU A 112 -23.74 4.84 -14.83
N GLY B 1 19.66 -26.49 17.46
CA GLY B 1 18.62 -27.19 16.61
C GLY B 1 17.20 -26.95 17.09
N ASP B 3 17.28 -25.43 20.13
CA ASP B 3 17.78 -24.33 20.96
C ASP B 3 18.01 -23.12 20.08
N LYS B 4 18.47 -23.41 18.86
CA LYS B 4 18.52 -22.45 17.79
C LYS B 4 17.10 -22.02 17.41
N LEU B 5 16.20 -22.99 17.29
CA LEU B 5 14.79 -22.74 17.05
C LEU B 5 14.21 -21.77 18.07
N ASN B 6 14.42 -22.09 19.34
CA ASN B 6 13.87 -21.31 20.43
C ASN B 6 14.51 -19.93 20.58
N GLU B 7 15.79 -19.82 20.26
CA GLU B 7 16.46 -18.53 20.16
C GLU B 7 15.88 -17.71 19.03
N TYR B 8 15.67 -18.35 17.88
CA TYR B 8 15.17 -17.64 16.68
C TYR B 8 13.72 -17.18 16.88
N ARG B 9 12.91 -18.00 17.52
CA ARG B 9 11.55 -17.63 17.87
C ARG B 9 11.54 -16.44 18.82
N THR B 10 12.35 -16.50 19.87
CA THR B 10 12.46 -15.40 20.82
C THR B 10 12.85 -14.12 20.11
N LYS B 11 13.91 -14.18 19.32
CA LYS B 11 14.46 -13.01 18.70
C LYS B 11 13.58 -12.44 17.58
N VAL B 12 12.90 -13.32 16.83
CA VAL B 12 11.96 -12.89 15.78
C VAL B 12 10.78 -12.18 16.43
N ARG B 13 10.27 -12.74 17.52
CA ARG B 13 9.11 -12.19 18.24
C ARG B 13 9.43 -10.86 18.94
N GLN B 14 10.66 -10.73 19.44
CA GLN B 14 11.15 -9.49 20.06
C GLN B 14 11.23 -8.37 19.02
N LEU B 15 11.87 -8.66 17.90
N LEU B 15 11.87 -8.66 17.89
CA LEU B 15 12.04 -7.71 16.81
CA LEU B 15 12.03 -7.70 16.80
C LEU B 15 10.69 -7.20 16.28
C LEU B 15 10.67 -7.20 16.29
N LEU B 16 9.73 -8.13 16.09
CA LEU B 16 8.42 -7.78 15.58
C LEU B 16 7.60 -6.96 16.58
N THR B 17 7.65 -7.38 17.85
CA THR B 17 7.02 -6.67 18.97
C THR B 17 7.60 -5.26 19.13
N LYS B 18 8.90 -5.12 18.94
CA LYS B 18 9.52 -3.80 18.89
C LYS B 18 8.78 -2.96 17.88
N HIS B 19 8.69 -3.44 16.66
CA HIS B 19 8.09 -2.65 15.57
C HIS B 19 6.57 -2.46 15.65
N LEU B 20 5.93 -3.15 16.60
CA LEU B 20 4.53 -2.91 16.97
C LEU B 20 4.30 -1.59 17.73
N GLN B 21 5.39 -1.00 18.23
CA GLN B 21 5.30 0.17 19.07
C GLN B 21 5.05 1.46 18.28
N TYR B 22 5.13 1.40 16.95
CA TYR B 22 4.89 2.57 16.15
C TYR B 22 3.87 2.24 15.11
N LYS B 23 3.23 3.28 14.59
N LYS B 23 3.23 3.28 14.59
CA LYS B 23 2.23 3.13 13.54
CA LYS B 23 2.24 3.13 13.53
C LYS B 23 2.17 4.40 12.70
C LYS B 23 2.18 4.40 12.69
N PRO B 24 1.50 4.34 11.53
CA PRO B 24 1.41 5.53 10.69
C PRO B 24 0.74 6.72 11.35
N SER B 25 1.23 7.90 11.03
CA SER B 25 0.70 9.10 11.59
C SER B 25 -0.56 9.58 10.86
N TYR B 26 -0.84 8.96 9.71
CA TYR B 26 -2.10 9.14 8.98
C TYR B 26 -3.17 8.09 9.42
N GLY B 27 -4.37 8.59 9.70
CA GLY B 27 -5.59 7.82 9.83
C GLY B 27 -5.91 7.15 11.14
N ASP B 28 -6.71 6.12 11.00
CA ASP B 28 -7.13 5.31 12.09
C ASP B 28 -6.79 3.91 11.69
N VAL B 29 -5.51 3.62 11.91
CA VAL B 29 -4.87 2.36 11.62
C VAL B 29 -4.45 1.70 12.94
N GLU B 30 -4.75 0.42 13.09
CA GLU B 30 -4.20 -0.38 14.16
C GLU B 30 -3.11 -1.26 13.58
N VAL B 31 -2.07 -1.47 14.36
CA VAL B 31 -1.02 -2.41 13.99
C VAL B 31 -1.15 -3.64 14.89
N GLU B 32 -1.27 -4.83 14.29
CA GLU B 32 -1.56 -6.03 15.06
C GLU B 32 -0.54 -7.14 14.86
N GLN B 33 -0.56 -8.05 15.81
CA GLN B 33 0.33 -9.18 15.81
C GLN B 33 -0.42 -10.41 15.30
N ILE B 34 0.16 -11.17 14.40
CA ILE B 34 -0.34 -12.54 14.09
C ILE B 34 0.85 -13.48 14.11
N PHE B 35 1.03 -14.15 15.27
CA PHE B 35 2.13 -15.06 15.53
C PHE B 35 1.61 -16.50 15.60
N ASP B 36 2.09 -17.35 14.70
CA ASP B 36 1.68 -18.77 14.67
C ASP B 36 2.92 -19.58 14.98
N GLU B 37 2.99 -20.08 16.21
CA GLU B 37 4.16 -20.85 16.64
C GLU B 37 4.15 -22.27 16.10
N GLU B 38 2.96 -22.85 15.90
CA GLU B 38 2.85 -24.19 15.28
C GLU B 38 3.58 -24.23 13.96
N HIS B 39 3.37 -23.21 13.12
CA HIS B 39 3.94 -23.17 11.76
C HIS B 39 5.10 -22.23 11.64
N ASP B 40 5.43 -21.56 12.73
CA ASP B 40 6.49 -20.58 12.78
C ASP B 40 6.34 -19.51 11.68
N HIS B 41 5.15 -18.92 11.58
CA HIS B 41 4.90 -17.77 10.73
C HIS B 41 4.58 -16.60 11.68
N TYR B 42 5.26 -15.47 11.49
CA TYR B 42 5.15 -14.32 12.39
C TYR B 42 4.94 -13.05 11.62
N GLN B 43 3.79 -12.39 11.83
CA GLN B 43 3.44 -11.23 11.05
C GLN B 43 2.99 -10.10 11.94
N ILE B 44 3.30 -8.86 11.54
CA ILE B 44 2.63 -7.69 12.07
C ILE B 44 1.90 -7.02 10.87
N ILE B 45 0.68 -6.56 11.10
CA ILE B 45 -0.20 -6.13 10.01
C ILE B 45 -0.91 -4.81 10.34
N SER B 46 -1.04 -3.94 9.32
CA SER B 46 -1.83 -2.72 9.38
C SER B 46 -3.25 -2.99 9.00
N VAL B 47 -4.20 -2.57 9.83
CA VAL B 47 -5.61 -2.73 9.56
C VAL B 47 -6.32 -1.48 9.97
N GLY B 48 -7.01 -0.82 9.05
CA GLY B 48 -7.75 0.39 9.39
C GLY B 48 -8.18 1.18 8.18
N TRP B 49 -8.20 2.49 8.34
CA TRP B 49 -8.75 3.43 7.37
C TRP B 49 -7.95 4.71 7.36
N ASN B 50 -7.88 5.31 6.18
CA ASN B 50 -7.49 6.68 6.01
C ASN B 50 -8.67 7.33 5.34
N ASN B 51 -9.58 7.91 6.14
CA ASN B 51 -10.92 8.35 5.68
C ASN B 51 -11.67 7.18 5.02
N GLN B 52 -11.98 7.18 3.72
N GLN B 52 -11.90 7.23 3.70
CA GLN B 52 -12.62 6.00 3.17
CA GLN B 52 -12.60 6.19 2.96
C GLN B 52 -11.67 5.20 2.25
C GLN B 52 -11.65 5.10 2.44
N HIS B 53 -10.36 5.41 2.40
CA HIS B 53 -9.39 4.46 1.88
C HIS B 53 -9.12 3.39 2.93
N ARG B 54 -9.41 2.15 2.55
CA ARG B 54 -9.18 0.99 3.38
C ARG B 54 -7.70 0.74 3.46
N ILE B 55 -7.16 0.74 4.68
N ILE B 55 -7.16 0.73 4.67
CA ILE B 55 -5.76 0.40 4.91
CA ILE B 55 -5.77 0.37 4.88
C ILE B 55 -5.71 -1.05 5.42
C ILE B 55 -5.72 -1.05 5.41
N TYR B 56 -4.98 -1.89 4.69
CA TYR B 56 -4.87 -3.30 5.02
C TYR B 56 -3.60 -3.86 4.41
N GLY B 57 -2.75 -4.48 5.21
CA GLY B 57 -1.52 -5.03 4.68
C GLY B 57 -0.44 -5.32 5.71
N PRO B 58 0.25 -6.46 5.54
CA PRO B 58 1.37 -6.80 6.36
C PRO B 58 2.44 -5.77 6.24
N ILE B 59 3.00 -5.39 7.38
CA ILE B 59 4.08 -4.43 7.45
C ILE B 59 5.34 -5.24 7.38
N HIS B 61 6.84 -9.49 7.95
CA HIS B 61 6.52 -10.93 8.04
C HIS B 61 7.83 -11.75 8.01
N LEU B 62 8.02 -12.50 9.09
CA LEU B 62 9.19 -13.38 9.24
C LEU B 62 8.78 -14.81 9.55
N ASP B 63 9.38 -15.73 8.78
CA ASP B 63 9.14 -17.16 8.97
C ASP B 63 10.40 -17.82 9.48
N ILE B 64 10.26 -18.87 10.26
CA ILE B 64 11.39 -19.75 10.60
C ILE B 64 11.17 -21.07 9.87
N LYS B 65 12.08 -21.39 8.96
CA LYS B 65 12.01 -22.59 8.11
C LYS B 65 13.40 -23.22 8.07
N ASN B 66 13.49 -24.49 8.46
CA ASN B 66 14.74 -25.24 8.41
C ASN B 66 15.89 -24.49 9.05
N ASN B 67 15.63 -24.01 10.26
CA ASN B 67 16.61 -23.35 11.07
C ASN B 67 17.13 -22.05 10.49
N LYS B 68 16.31 -21.40 9.67
CA LYS B 68 16.63 -20.09 9.13
C LYS B 68 15.46 -19.16 9.17
N ILE B 69 15.76 -17.87 9.27
CA ILE B 69 14.78 -16.80 9.33
C ILE B 69 14.55 -16.24 7.94
N TRP B 70 13.35 -16.44 7.41
CA TRP B 70 12.96 -15.97 6.11
C TRP B 70 12.21 -14.64 6.27
N ILE B 71 12.76 -13.56 5.70
CA ILE B 71 12.10 -12.26 5.67
C ILE B 71 11.17 -12.30 4.46
N GLN B 72 9.86 -12.40 4.68
CA GLN B 72 8.91 -12.54 3.58
C GLN B 72 8.41 -11.16 3.10
N GLN B 73 8.40 -10.19 4.00
CA GLN B 73 7.87 -8.86 3.70
C GLN B 73 8.41 -7.84 4.68
N ASN B 74 8.75 -6.66 4.17
CA ASN B 74 9.11 -5.52 4.98
C ASN B 74 8.75 -4.24 4.24
N THR B 75 7.68 -3.57 4.65
CA THR B 75 7.24 -2.31 4.05
C THR B 75 7.77 -1.04 4.75
N THR B 76 8.80 -1.20 5.55
CA THR B 76 9.33 -0.12 6.35
C THR B 76 10.72 0.19 5.85
N GLU B 77 11.33 1.17 6.47
CA GLU B 77 12.66 1.67 6.09
C GLU B 77 13.70 0.87 6.79
N ALA B 78 13.28 0.02 7.73
CA ALA B 78 14.21 -0.71 8.58
C ALA B 78 14.96 -1.75 7.77
N ASP B 79 16.20 -2.02 8.17
CA ASP B 79 16.93 -3.18 7.66
C ASP B 79 16.80 -4.30 8.70
N ILE B 80 15.87 -5.21 8.42
CA ILE B 80 15.52 -6.24 9.38
C ILE B 80 16.66 -7.24 9.44
N ALA B 81 17.30 -7.56 8.31
CA ALA B 81 18.52 -8.40 8.30
C ALA B 81 19.55 -7.84 9.29
N LEU B 82 19.95 -6.59 9.08
CA LEU B 82 20.95 -5.99 9.93
C LEU B 82 20.44 -5.95 11.39
N GLU B 83 19.13 -5.79 11.59
CA GLU B 83 18.58 -5.81 12.96
C GLU B 83 18.58 -7.22 13.60
N LEU B 84 18.44 -8.24 12.76
CA LEU B 84 18.59 -9.63 13.20
C LEU B 84 20.05 -9.94 13.55
N GLU B 86 22.25 -7.79 14.44
CA GLU B 86 22.50 -6.98 15.64
C GLU B 86 21.93 -7.69 16.89
N GLY B 88 22.51 -11.00 17.10
CA GLY B 88 23.45 -12.11 17.21
C GLY B 88 23.04 -13.30 16.37
N ILE B 89 22.29 -13.03 15.30
CA ILE B 89 21.89 -14.07 14.37
C ILE B 89 22.85 -14.03 13.20
N ASP B 90 23.34 -15.20 12.80
CA ASP B 90 24.34 -15.25 11.74
C ASP B 90 23.72 -14.88 10.40
N LYS B 91 24.49 -14.15 9.60
CA LYS B 91 24.02 -13.67 8.29
C LYS B 91 23.63 -14.86 7.39
N GLN B 92 24.21 -16.04 7.61
CA GLN B 92 23.88 -17.18 6.76
C GLN B 92 22.68 -17.96 7.24
N ASP B 93 22.03 -17.53 8.33
CA ASP B 93 20.74 -18.09 8.76
C ASP B 93 19.58 -17.14 8.46
N ILE B 94 19.82 -16.21 7.55
CA ILE B 94 18.84 -15.21 7.16
C ILE B 94 18.64 -15.39 5.65
N VAL B 95 17.40 -15.58 5.21
CA VAL B 95 17.09 -15.68 3.79
C VAL B 95 16.21 -14.47 3.45
N ILE B 96 16.55 -13.75 2.39
CA ILE B 96 15.70 -12.67 1.89
C ILE B 96 14.64 -13.28 0.95
N GLY B 97 13.45 -13.50 1.51
CA GLY B 97 12.38 -14.22 0.85
C GLY B 97 11.77 -13.54 -0.35
N PHE B 98 11.91 -12.20 -0.41
CA PHE B 98 11.34 -11.41 -1.48
C PHE B 98 12.39 -11.13 -2.55
N HIS B 99 13.54 -11.78 -2.44
CA HIS B 99 14.47 -11.90 -3.56
C HIS B 99 14.33 -13.27 -4.20
N THR B 100 14.44 -13.32 -5.52
CA THR B 100 14.42 -14.59 -6.18
C THR B 100 15.68 -15.37 -5.71
N PRO B 101 15.65 -16.71 -5.79
CA PRO B 101 16.82 -17.51 -5.49
C PRO B 101 18.07 -17.05 -6.21
N LYS B 102 17.94 -16.64 -7.47
CA LYS B 102 19.08 -16.06 -8.19
C LYS B 102 19.56 -14.75 -7.60
N ARG B 104 19.26 -13.97 -4.62
CA ARG B 104 19.78 -14.28 -3.29
C ARG B 104 21.25 -14.65 -3.31
N GLN B 105 21.68 -15.31 -4.39
CA GLN B 105 23.09 -15.68 -4.58
C GLN B 105 23.98 -14.43 -4.64
N LEU B 106 23.36 -13.27 -4.91
CA LEU B 106 24.04 -12.00 -5.06
C LEU B 106 23.84 -11.00 -3.92
N SER B 107 22.74 -11.07 -3.18
CA SER B 107 22.41 -10.00 -2.24
C SER B 107 22.96 -10.21 -0.82
N GLY B 108 23.84 -11.19 -0.62
CA GLY B 108 24.63 -11.27 0.61
C GLY B 108 24.17 -12.21 1.72
N PHE B 109 23.04 -12.89 1.55
CA PHE B 109 22.54 -13.78 2.57
C PHE B 109 22.36 -15.20 2.00
N ALA B 110 21.70 -16.07 2.79
CA ALA B 110 21.52 -17.46 2.44
C ALA B 110 20.50 -17.59 1.34
N VAL B 111 20.80 -18.47 0.38
CA VAL B 111 19.89 -18.78 -0.72
C VAL B 111 18.70 -19.62 -0.22
N GLU B 112 18.95 -20.48 0.78
CA GLU B 112 17.89 -21.23 1.45
C GLU B 112 18.48 -21.89 2.68
#